data_3BG8
#
_entry.id   3BG8
#
_cell.length_a   120.716
_cell.length_b   120.716
_cell.length_c   120.716
_cell.angle_alpha   90.00
_cell.angle_beta   90.00
_cell.angle_gamma   90.00
#
_symmetry.space_group_name_H-M   'I 2 3'
#
loop_
_entity.id
_entity.type
_entity.pdbx_description
1 polymer 'Coagulation factor XIa light chain'
2 non-polymer N-(4-carbamimidamidobutyl)ethanamide
3 non-polymer BENZAMIDINE
4 non-polymer 'SULFATE ION'
5 water water
#
_entity_poly.entity_id   1
_entity_poly.type   'polypeptide(L)'
_entity_poly.pdbx_seq_one_letter_code
;IVGGTASVRGEWPWQVTLHTTSPTQRHLCGGSIIGNQWILTAAHCFYGVESPKILRVYSGILNQSEIKEDTSFFGVQEII
IHDQYKMAESGYDIALLKLETTVNYTDSQRPISLPSKGERNVIYTDCWVTGWGYRKLRDKIQNTLQKAKIPLVTNEECQK
RYRGHKITHKMICAGYREGGKDACKGDSGGPLSCKHNEVWHLVGITSWGEGCAQRERPGVYTNVVEYVDWILEKTQAV
;
_entity_poly.pdbx_strand_id   A
#
loop_
_chem_comp.id
_chem_comp.type
_chem_comp.name
_chem_comp.formula
BEN non-polymer BENZAMIDINE 'C7 H8 N2'
G0R non-polymer N-(4-carbamimidamidobutyl)ethanamide 'C7 H16 N4 O'
SO4 non-polymer 'SULFATE ION' 'O4 S -2'
#
# COMPACT_ATOMS: atom_id res chain seq x y z
N ILE A 1 6.13 -6.31 7.54
CA ILE A 1 6.79 -5.12 8.15
C ILE A 1 7.90 -5.59 9.07
N VAL A 2 9.10 -5.08 8.83
CA VAL A 2 10.26 -5.38 9.66
C VAL A 2 10.41 -4.30 10.71
N GLY A 3 10.62 -4.71 11.97
CA GLY A 3 10.95 -3.74 13.02
C GLY A 3 9.76 -2.95 13.53
N GLY A 4 8.56 -3.46 13.24
CA GLY A 4 7.32 -2.79 13.64
C GLY A 4 6.71 -3.42 14.87
N THR A 5 5.49 -2.99 15.19
CA THR A 5 4.77 -3.53 16.34
C THR A 5 3.34 -3.74 15.90
N ALA A 6 2.59 -4.47 16.72
CA ALA A 6 1.19 -4.72 16.43
C ALA A 6 0.37 -3.45 16.47
N SER A 7 -0.53 -3.33 15.50
CA SER A 7 -1.50 -2.23 15.48
C SER A 7 -2.61 -2.42 16.47
N VAL A 8 -3.17 -1.27 16.86
CA VAL A 8 -4.43 -1.21 17.60
C VAL A 8 -5.58 -1.47 16.62
N ARG A 9 -6.57 -2.25 17.03
CA ARG A 9 -7.71 -2.48 16.18
C ARG A 9 -8.36 -1.16 15.74
N GLY A 10 -8.54 -1.02 14.43
CA GLY A 10 -9.17 0.16 13.86
C GLY A 10 -8.32 1.41 13.74
N GLU A 11 -7.04 1.32 14.08
CA GLU A 11 -6.25 2.54 13.97
C GLU A 11 -5.82 2.88 12.53
N TRP A 12 -5.95 1.92 11.61
CA TRP A 12 -5.64 2.16 10.18
C TRP A 12 -6.86 1.71 9.36
N PRO A 13 -7.99 2.42 9.52
CA PRO A 13 -9.24 1.87 8.98
C PRO A 13 -9.37 1.91 7.46
N TRP A 14 -8.40 2.54 6.78
CA TRP A 14 -8.36 2.49 5.34
C TRP A 14 -7.60 1.26 4.84
N GLN A 15 -6.88 0.57 5.72
CA GLN A 15 -6.06 -0.57 5.24
C GLN A 15 -6.95 -1.78 4.97
N VAL A 16 -6.77 -2.38 3.78
CA VAL A 16 -7.43 -3.64 3.46
C VAL A 16 -6.39 -4.71 3.21
N THR A 17 -6.87 -5.96 3.31
CA THR A 17 -6.09 -7.13 2.88
C THR A 17 -6.74 -7.68 1.63
N LEU A 18 -5.96 -7.80 0.57
CA LEU A 18 -6.49 -8.35 -0.69
C LEU A 18 -6.06 -9.80 -0.72
N HIS A 19 -7.03 -10.68 -0.85
CA HIS A 19 -6.77 -12.12 -0.97
C HIS A 19 -6.99 -12.60 -2.40
N THR A 20 -6.27 -13.66 -2.75
CA THR A 20 -6.61 -14.45 -3.93
C THR A 20 -7.17 -15.77 -3.47
N THR A 21 -8.06 -16.35 -4.25
CA THR A 21 -8.64 -17.64 -3.87
C THR A 21 -7.96 -18.76 -4.62
N SER A 22 -6.99 -18.42 -5.46
CA SER A 22 -6.30 -19.42 -6.30
C SER A 22 -4.84 -19.62 -5.92
N PRO A 23 -4.40 -20.88 -5.72
CA PRO A 23 -5.19 -22.11 -5.77
C PRO A 23 -6.08 -22.30 -4.56
N THR A 24 -5.58 -21.91 -3.39
CA THR A 24 -6.41 -21.80 -2.18
C THR A 24 -6.22 -20.41 -1.62
N GLN A 25 -7.10 -20.02 -0.70
CA GLN A 25 -7.15 -18.62 -0.33
C GLN A 25 -5.97 -18.19 0.53
N ARG A 26 -5.40 -17.03 0.19
CA ARG A 26 -4.28 -16.49 0.93
C ARG A 26 -4.23 -14.98 0.70
N HIS A 27 -3.61 -14.27 1.63
CA HIS A 27 -3.30 -12.84 1.45
C HIS A 27 -2.36 -12.65 0.27
N LEU A 28 -2.70 -11.73 -0.62
CA LEU A 28 -1.86 -11.37 -1.75
C LEU A 28 -1.10 -10.06 -1.50
N CYS A 29 -1.84 -9.02 -1.08
CA CYS A 29 -1.26 -7.69 -1.01
C CYS A 29 -2.09 -6.83 -0.08
N GLY A 30 -1.53 -5.69 0.28
CA GLY A 30 -2.28 -4.63 0.96
C GLY A 30 -2.97 -3.70 -0.03
N GLY A 31 -3.80 -2.82 0.51
CA GLY A 31 -4.46 -1.79 -0.32
C GLY A 31 -5.08 -0.77 0.60
N SER A 32 -5.60 0.31 0.02
CA SER A 32 -6.21 1.39 0.81
C SER A 32 -7.56 1.76 0.26
N ILE A 33 -8.53 1.93 1.15
CA ILE A 33 -9.86 2.47 0.76
C ILE A 33 -9.71 3.95 0.45
N ILE A 34 -10.03 4.32 -0.79
CA ILE A 34 -10.00 5.74 -1.14
C ILE A 34 -11.37 6.28 -1.56
N GLY A 35 -12.31 5.39 -1.73
CA GLY A 35 -13.69 5.79 -2.10
C GLY A 35 -14.63 4.65 -1.79
N ASN A 36 -15.95 4.86 -1.91
CA ASN A 36 -16.85 3.82 -1.45
C ASN A 36 -16.78 2.54 -2.29
N GLN A 37 -16.29 2.64 -3.53
CA GLN A 37 -16.19 1.47 -4.40
C GLN A 37 -14.75 1.24 -4.85
N TRP A 38 -13.79 1.91 -4.21
CA TRP A 38 -12.43 1.98 -4.78
C TRP A 38 -11.34 1.69 -3.79
N ILE A 39 -10.44 0.77 -4.21
CA ILE A 39 -9.22 0.48 -3.44
C ILE A 39 -8.02 0.89 -4.29
N LEU A 40 -7.05 1.56 -3.68
CA LEU A 40 -5.81 1.91 -4.36
C LEU A 40 -4.73 0.96 -3.88
N THR A 41 -4.01 0.37 -4.83
CA THR A 41 -3.00 -0.64 -4.51
C THR A 41 -1.85 -0.59 -5.52
N ALA A 42 -1.00 -1.60 -5.54
CA ALA A 42 0.16 -1.63 -6.45
C ALA A 42 -0.14 -2.52 -7.62
N ALA A 43 0.26 -2.08 -8.80
CA ALA A 43 0.00 -2.82 -10.01
C ALA A 43 0.75 -4.15 -9.99
N HIS A 44 1.91 -4.18 -9.37
CA HIS A 44 2.75 -5.39 -9.49
C HIS A 44 2.12 -6.57 -8.76
N CYS A 45 1.15 -6.28 -7.90
CA CYS A 45 0.46 -7.34 -7.16
C CYS A 45 -0.36 -8.27 -8.06
N PHE A 46 -0.60 -7.83 -9.29
CA PHE A 46 -1.52 -8.57 -10.16
C PHE A 46 -0.80 -9.43 -11.18
N TYR A 47 0.50 -9.64 -10.97
CA TYR A 47 1.22 -10.59 -11.83
C TYR A 47 0.48 -11.93 -11.85
N GLY A 48 0.19 -12.41 -13.04
CA GLY A 48 -0.47 -13.72 -13.20
C GLY A 48 -1.93 -13.76 -12.79
N VAL A 49 -2.51 -12.62 -12.38
CA VAL A 49 -3.96 -12.57 -12.08
C VAL A 49 -4.66 -12.30 -13.40
N GLU A 50 -5.43 -13.28 -13.89
CA GLU A 50 -6.05 -13.13 -15.21
C GLU A 50 -7.49 -12.68 -15.15
N SER A 51 -8.04 -12.68 -13.95
CA SER A 51 -9.44 -12.30 -13.74
C SER A 51 -9.67 -11.72 -12.35
N PRO A 52 -10.53 -10.69 -12.25
CA PRO A 52 -10.86 -10.18 -10.92
C PRO A 52 -11.71 -11.17 -10.11
N LYS A 53 -12.18 -12.24 -10.74
CA LYS A 53 -13.07 -13.19 -10.07
C LYS A 53 -12.42 -13.93 -8.89
N ILE A 54 -11.10 -14.03 -8.91
CA ILE A 54 -10.38 -14.76 -7.85
C ILE A 54 -9.98 -13.88 -6.67
N LEU A 55 -10.34 -12.59 -6.75
CA LEU A 55 -9.94 -11.63 -5.69
C LEU A 55 -11.04 -11.42 -4.66
N ARG A 56 -10.61 -11.24 -3.40
CA ARG A 56 -11.53 -10.89 -2.31
C ARG A 56 -10.86 -9.78 -1.52
N VAL A 57 -11.59 -8.70 -1.25
CA VAL A 57 -11.05 -7.61 -0.43
C VAL A 57 -11.72 -7.68 0.94
N TYR A 58 -10.91 -7.70 1.99
CA TYR A 58 -11.44 -7.64 3.36
C TYR A 58 -11.04 -6.34 4.01
N SER A 59 -12.05 -5.68 4.58
CA SER A 59 -11.88 -4.43 5.31
C SER A 59 -12.17 -4.67 6.79
N GLY A 60 -11.70 -3.74 7.59
CA GLY A 60 -11.97 -3.81 9.03
C GLY A 60 -11.29 -4.95 9.73
N ILE A 61 -10.16 -5.40 9.17
CA ILE A 61 -9.43 -6.56 9.71
C ILE A 61 -8.23 -6.12 10.50
N LEU A 62 -8.03 -6.71 11.69
CA LEU A 62 -6.77 -6.59 12.40
C LEU A 62 -5.93 -7.87 12.20
N ASN A 63 -6.53 -9.01 12.56
CA ASN A 63 -5.86 -10.29 12.47
C ASN A 63 -6.34 -11.12 11.30
N GLN A 64 -5.41 -11.69 10.54
CA GLN A 64 -5.80 -12.59 9.44
C GLN A 64 -6.70 -13.73 9.95
N SER A 65 -6.51 -14.12 11.21
CA SER A 65 -7.38 -15.15 11.82
C SER A 65 -8.88 -14.82 11.84
N GLU A 66 -9.21 -13.55 11.69
CA GLU A 66 -10.61 -13.11 11.56
C GLU A 66 -11.27 -13.58 10.28
N ILE A 67 -10.44 -13.91 9.28
CA ILE A 67 -10.94 -14.25 7.96
C ILE A 67 -11.15 -15.73 7.86
N LYS A 68 -12.42 -16.08 7.74
CA LYS A 68 -12.80 -17.47 7.60
C LYS A 68 -13.72 -17.65 6.43
N GLU A 69 -14.11 -18.88 6.16
CA GLU A 69 -15.00 -19.07 5.02
C GLU A 69 -16.32 -18.31 5.15
N ASP A 70 -16.73 -18.04 6.39
CA ASP A 70 -17.99 -17.33 6.65
C ASP A 70 -17.86 -15.81 6.84
N THR A 71 -16.67 -15.26 6.62
CA THR A 71 -16.43 -13.83 6.74
C THR A 71 -16.87 -13.07 5.48
N SER A 72 -17.56 -11.94 5.64
CA SER A 72 -17.96 -11.14 4.48
C SER A 72 -16.75 -10.47 3.83
N PHE A 73 -16.84 -10.34 2.51
CA PHE A 73 -15.77 -9.66 1.74
C PHE A 73 -16.39 -8.89 0.59
N PHE A 74 -15.57 -8.06 -0.04
CA PHE A 74 -15.97 -7.34 -1.25
C PHE A 74 -15.38 -8.03 -2.46
N GLY A 75 -16.23 -8.34 -3.42
CA GLY A 75 -15.76 -8.83 -4.70
C GLY A 75 -15.18 -7.68 -5.51
N VAL A 76 -14.38 -8.04 -6.51
CA VAL A 76 -13.75 -7.04 -7.38
C VAL A 76 -14.37 -7.15 -8.77
N GLN A 77 -14.88 -6.02 -9.24
CA GLN A 77 -15.51 -5.93 -10.53
C GLN A 77 -14.50 -5.71 -11.64
N GLU A 78 -13.47 -4.93 -11.34
CA GLU A 78 -12.47 -4.50 -12.32
C GLU A 78 -11.13 -4.20 -11.68
N ILE A 79 -10.07 -4.60 -12.37
CA ILE A 79 -8.71 -4.24 -12.01
C ILE A 79 -8.27 -3.20 -13.02
N ILE A 80 -7.88 -2.02 -12.56
CA ILE A 80 -7.39 -0.97 -13.47
C ILE A 80 -5.92 -0.74 -13.18
N ILE A 81 -5.07 -1.18 -14.10
CA ILE A 81 -3.64 -1.02 -13.95
C ILE A 81 -3.21 0.15 -14.82
N HIS A 82 -2.29 0.99 -14.29
CA HIS A 82 -1.80 2.14 -15.04
C HIS A 82 -1.26 1.66 -16.40
N ASP A 83 -1.64 2.34 -17.47
CA ASP A 83 -1.23 1.84 -18.79
C ASP A 83 0.26 1.93 -19.08
N GLN A 84 1.01 2.70 -18.29
CA GLN A 84 2.46 2.78 -18.47
C GLN A 84 3.22 1.80 -17.57
N TYR A 85 2.49 1.09 -16.71
CA TYR A 85 3.13 0.14 -15.81
C TYR A 85 3.76 -1.03 -16.59
N LYS A 86 4.99 -1.34 -16.23
CA LYS A 86 5.66 -2.55 -16.73
C LYS A 86 6.19 -3.39 -15.59
N MET A 87 6.94 -2.77 -14.69
CA MET A 87 7.34 -3.46 -13.46
C MET A 87 7.59 -2.50 -12.32
N ALA A 88 7.56 -3.02 -11.10
CA ALA A 88 7.63 -2.14 -9.91
C ALA A 88 8.79 -1.15 -9.97
N GLU A 89 9.99 -1.65 -10.30
CA GLU A 89 11.19 -0.82 -10.22
C GLU A 89 11.27 0.27 -11.28
N SER A 90 10.41 0.19 -12.30
CA SER A 90 10.33 1.23 -13.34
C SER A 90 9.23 2.25 -13.11
N GLY A 91 8.53 2.13 -12.01
CA GLY A 91 7.53 3.14 -11.65
C GLY A 91 6.15 2.81 -12.17
N TYR A 92 5.22 3.77 -12.03
CA TYR A 92 3.82 3.53 -12.45
C TYR A 92 3.18 2.33 -11.74
N ASP A 93 3.69 2.03 -10.54
CA ASP A 93 3.23 0.86 -9.79
C ASP A 93 1.98 1.25 -9.01
N ILE A 94 0.89 1.31 -9.73
CA ILE A 94 -0.37 1.79 -9.15
C ILE A 94 -1.53 1.15 -9.88
N ALA A 95 -2.53 0.75 -9.09
CA ALA A 95 -3.70 0.12 -9.65
C ALA A 95 -4.89 0.48 -8.82
N LEU A 96 -6.05 0.46 -9.47
CA LEU A 96 -7.31 0.61 -8.75
C LEU A 96 -8.12 -0.66 -8.82
N LEU A 97 -8.78 -1.01 -7.72
CA LEU A 97 -9.77 -2.07 -7.75
C LEU A 97 -11.12 -1.44 -7.61
N LYS A 98 -11.99 -1.70 -8.58
CA LYS A 98 -13.38 -1.28 -8.49
C LYS A 98 -14.17 -2.40 -7.85
N LEU A 99 -14.75 -2.14 -6.69
CA LEU A 99 -15.50 -3.16 -5.97
C LEU A 99 -16.89 -3.43 -6.56
N GLU A 100 -17.37 -4.65 -6.35
CA GLU A 100 -18.69 -5.06 -6.84
C GLU A 100 -19.82 -4.38 -6.07
N THR A 101 -19.56 -4.12 -4.80
CA THR A 101 -20.52 -3.42 -3.93
C THR A 101 -19.81 -2.29 -3.22
N THR A 102 -20.56 -1.41 -2.57
CA THR A 102 -19.91 -0.29 -1.89
C THR A 102 -19.67 -0.57 -0.43
N VAL A 103 -18.58 -0.01 0.07
CA VAL A 103 -18.21 -0.11 1.48
C VAL A 103 -19.13 0.80 2.28
N ASN A 104 -19.74 0.28 3.33
CA ASN A 104 -20.44 1.13 4.28
C ASN A 104 -19.43 1.58 5.32
N TYR A 105 -19.15 2.87 5.34
CA TYR A 105 -18.14 3.37 6.27
C TYR A 105 -18.54 3.24 7.74
N THR A 106 -17.55 3.02 8.57
CA THR A 106 -17.72 2.84 10.02
C THR A 106 -16.40 3.13 10.68
N ASP A 107 -16.37 3.13 12.00
CA ASP A 107 -15.14 3.35 12.72
C ASP A 107 -14.05 2.36 12.26
N SER A 108 -14.47 1.16 11.83
CA SER A 108 -13.53 0.10 11.43
C SER A 108 -13.06 0.16 9.98
N GLN A 109 -13.74 0.94 9.15
CA GLN A 109 -13.46 0.95 7.71
C GLN A 109 -13.92 2.28 7.09
N ARG A 110 -12.97 3.06 6.62
CA ARG A 110 -13.27 4.39 6.11
C ARG A 110 -12.13 4.83 5.21
N PRO A 111 -12.36 5.81 4.35
CA PRO A 111 -11.37 6.11 3.33
C PRO A 111 -10.28 7.02 3.85
N ILE A 112 -9.10 6.95 3.22
CA ILE A 112 -8.05 7.90 3.52
C ILE A 112 -8.01 8.95 2.42
N SER A 113 -7.79 10.20 2.83
CA SER A 113 -7.65 11.32 1.90
C SER A 113 -6.41 11.18 1.04
N LEU A 114 -6.57 11.53 -0.22
CA LEU A 114 -5.45 11.63 -1.11
C LEU A 114 -4.67 12.91 -0.78
N PRO A 115 -3.36 12.91 -1.07
CA PRO A 115 -2.55 14.09 -0.85
C PRO A 115 -2.94 15.24 -1.79
N SER A 116 -2.77 16.47 -1.31
CA SER A 116 -3.05 17.64 -2.13
C SER A 116 -1.79 18.00 -2.93
N LYS A 117 -1.95 18.43 -4.19
CA LYS A 117 -0.80 18.96 -4.95
C LYS A 117 -0.14 20.11 -4.19
N GLY A 118 -0.95 20.83 -3.40
CA GLY A 118 -0.45 21.88 -2.50
C GLY A 118 0.43 21.46 -1.34
N GLU A 119 0.32 20.21 -0.90
CA GLU A 119 1.15 19.75 0.22
C GLU A 119 2.45 19.06 -0.23
N ARG A 120 2.78 19.19 -1.52
CA ARG A 120 4.07 18.71 -2.05
C ARG A 120 5.23 19.37 -1.31
N ASN A 121 5.04 20.63 -0.94
CA ASN A 121 6.04 21.40 -0.23
C ASN A 121 6.16 21.01 1.24
N VAL A 122 5.08 20.45 1.79
CA VAL A 122 5.02 20.06 3.19
C VAL A 122 6.09 19.02 3.51
N ILE A 123 6.69 19.17 4.69
CA ILE A 123 7.60 18.19 5.24
C ILE A 123 6.75 17.29 6.14
N TYR A 124 6.40 16.12 5.62
CA TYR A 124 5.71 15.12 6.42
C TYR A 124 6.70 14.51 7.40
N THR A 125 6.45 14.69 8.70
CA THR A 125 7.32 14.14 9.73
C THR A 125 6.71 13.00 10.53
N ASP A 126 5.46 12.63 10.21
CA ASP A 126 4.74 11.61 10.97
C ASP A 126 4.18 10.52 10.02
N CYS A 127 5.07 9.72 9.45
CA CYS A 127 4.71 8.76 8.40
C CYS A 127 4.85 7.31 8.87
N TRP A 128 3.84 6.50 8.55
CA TRP A 128 3.81 5.12 9.00
C TRP A 128 3.56 4.18 7.83
N VAL A 129 4.24 3.05 7.85
CA VAL A 129 3.93 1.96 6.90
C VAL A 129 3.30 0.80 7.65
N THR A 130 2.31 0.17 7.02
CA THR A 130 1.51 -0.87 7.67
C THR A 130 1.30 -2.07 6.77
N GLY A 131 1.12 -3.24 7.38
CA GLY A 131 0.78 -4.41 6.57
C GLY A 131 0.99 -5.73 7.30
N TRP A 132 0.62 -6.81 6.62
CA TRP A 132 0.71 -8.17 7.15
C TRP A 132 1.91 -8.91 6.56
N GLY A 133 2.84 -8.16 6.01
CA GLY A 133 3.98 -8.79 5.33
C GLY A 133 5.03 -9.37 6.26
N TYR A 134 6.07 -9.89 5.63
CA TYR A 134 7.14 -10.58 6.37
C TYR A 134 7.81 -9.68 7.40
N ARG A 135 8.29 -10.29 8.49
CA ARG A 135 9.04 -9.56 9.51
C ARG A 135 10.55 -9.72 9.31
N LYS A 136 10.93 -10.57 8.35
CA LYS A 136 12.31 -10.71 7.83
C LYS A 136 12.24 -11.15 6.36
N LEU A 137 13.36 -11.06 5.62
CA LEU A 137 13.35 -11.28 4.15
C LEU A 137 12.75 -12.63 3.70
N ARG A 138 13.05 -13.68 4.46
CA ARG A 138 12.45 -14.99 4.21
C ARG A 138 11.67 -15.33 5.46
N ASP A 139 10.35 -15.31 5.36
CA ASP A 139 9.44 -15.38 6.50
C ASP A 139 8.08 -15.78 5.94
N LYS A 140 7.01 -15.34 6.61
CA LYS A 140 5.66 -15.66 6.17
C LYS A 140 4.73 -14.51 6.54
N ILE A 141 3.53 -14.52 5.98
CA ILE A 141 2.53 -13.48 6.27
C ILE A 141 2.16 -13.56 7.75
N GLN A 142 2.07 -12.38 8.36
CA GLN A 142 1.79 -12.20 9.77
C GLN A 142 0.31 -12.16 10.07
N ASN A 143 -0.07 -12.65 11.25
CA ASN A 143 -1.45 -12.63 11.66
C ASN A 143 -1.93 -11.23 11.94
N THR A 144 -1.22 -10.51 12.80
CA THR A 144 -1.67 -9.19 13.24
C THR A 144 -1.06 -8.08 12.36
N LEU A 145 -1.91 -7.15 11.93
CA LEU A 145 -1.43 -5.97 11.18
C LEU A 145 -0.32 -5.24 11.93
N GLN A 146 0.83 -5.08 11.28
CA GLN A 146 1.95 -4.40 11.87
C GLN A 146 2.09 -2.97 11.40
N LYS A 147 2.70 -2.14 12.23
CA LYS A 147 2.97 -0.74 11.87
C LYS A 147 4.40 -0.36 12.22
N ALA A 148 4.96 0.56 11.42
CA ALA A 148 6.28 1.11 11.72
C ALA A 148 6.35 2.56 11.28
N LYS A 149 6.92 3.39 12.14
CA LYS A 149 7.09 4.79 11.84
C LYS A 149 8.43 4.95 11.12
N ILE A 150 8.41 5.58 9.93
CA ILE A 150 9.61 5.63 9.10
C ILE A 150 9.75 7.04 8.49
N PRO A 151 10.95 7.62 8.56
CA PRO A 151 11.13 8.96 8.00
C PRO A 151 11.23 8.95 6.48
N LEU A 152 10.66 9.97 5.84
CA LEU A 152 10.88 10.15 4.41
C LEU A 152 12.33 10.55 4.17
N VAL A 153 12.86 10.16 3.02
CA VAL A 153 14.18 10.64 2.60
C VAL A 153 14.03 11.35 1.26
N THR A 154 14.93 12.28 0.95
CA THR A 154 14.82 13.06 -0.28
C THR A 154 15.11 12.15 -1.48
N ASN A 155 14.57 12.51 -2.63
CA ASN A 155 14.85 11.73 -3.83
C ASN A 155 16.33 11.72 -4.21
N GLU A 156 17.03 12.82 -3.94
CA GLU A 156 18.48 12.84 -4.15
C GLU A 156 19.21 11.82 -3.28
N GLU A 157 18.82 11.72 -2.01
CA GLU A 157 19.41 10.74 -1.10
C GLU A 157 19.07 9.31 -1.51
N CYS A 158 17.81 9.10 -1.89
CA CYS A 158 17.38 7.77 -2.27
C CYS A 158 18.15 7.32 -3.52
N GLN A 159 18.34 8.26 -4.45
CA GLN A 159 19.07 7.94 -5.68
C GLN A 159 20.50 7.49 -5.38
N LYS A 160 21.13 8.10 -4.38
CA LYS A 160 22.48 7.69 -3.98
C LYS A 160 22.55 6.25 -3.50
N ARG A 161 21.43 5.74 -2.97
CA ARG A 161 21.36 4.40 -2.42
C ARG A 161 20.95 3.34 -3.44
N TYR A 162 20.43 3.76 -4.59
CA TYR A 162 20.01 2.86 -5.65
C TYR A 162 20.66 3.22 -6.98
N ARG A 163 21.99 3.09 -7.04
CA ARG A 163 22.77 3.54 -8.23
C ARG A 163 22.45 2.84 -9.55
N GLY A 164 21.91 1.64 -9.49
CA GLY A 164 21.51 0.92 -10.70
C GLY A 164 20.07 1.17 -11.14
N HIS A 165 19.39 2.07 -10.45
CA HIS A 165 18.01 2.40 -10.76
C HIS A 165 17.88 3.89 -11.04
N LYS A 166 16.76 4.26 -11.65
CA LYS A 166 16.39 5.65 -11.71
C LYS A 166 15.29 5.89 -10.70
N ILE A 167 15.58 6.67 -9.66
CA ILE A 167 14.56 7.04 -8.68
C ILE A 167 13.93 8.33 -9.20
N THR A 168 12.70 8.23 -9.67
CA THR A 168 12.05 9.34 -10.35
C THR A 168 11.20 10.15 -9.38
N HIS A 169 10.73 11.30 -9.86
CA HIS A 169 9.85 12.14 -9.04
C HIS A 169 8.50 11.50 -8.83
N LYS A 170 8.24 10.38 -9.47
CA LYS A 170 6.97 9.67 -9.24
C LYS A 170 7.12 8.56 -8.20
N MET A 171 8.29 8.55 -7.55
CA MET A 171 8.58 7.68 -6.43
C MET A 171 8.90 8.51 -5.21
N ILE A 172 8.67 7.93 -4.05
CA ILE A 172 9.07 8.54 -2.79
C ILE A 172 9.72 7.42 -1.96
N CYS A 173 10.75 7.77 -1.21
CA CYS A 173 11.47 6.79 -0.41
C CYS A 173 11.39 7.10 1.08
N ALA A 174 11.51 6.06 1.89
CA ALA A 174 11.42 6.21 3.33
C ALA A 174 12.24 5.13 3.98
N GLY A 175 13.02 5.51 4.98
CA GLY A 175 13.79 4.54 5.71
C GLY A 175 14.80 5.21 6.60
N TYR A 176 15.44 4.41 7.44
CA TYR A 176 16.53 4.86 8.30
C TYR A 176 17.87 4.48 7.66
N ARG A 177 18.84 5.39 7.75
CA ARG A 177 20.18 5.10 7.23
C ARG A 177 20.71 3.74 7.73
N GLU A 178 20.48 3.45 9.00
CA GLU A 178 20.94 2.20 9.62
C GLU A 178 20.03 1.00 9.37
N GLY A 179 18.94 1.23 8.65
CA GLY A 179 17.95 0.18 8.38
C GLY A 179 17.16 -0.20 9.63
N GLY A 180 16.59 -1.39 9.61
CA GLY A 180 15.92 -1.95 10.79
C GLY A 180 14.40 -1.83 10.81
N LYS A 181 13.87 -0.86 10.06
CA LYS A 181 12.41 -0.67 9.94
C LYS A 181 12.05 -0.43 8.48
N ASP A 182 11.09 -1.19 7.95
CA ASP A 182 10.80 -1.16 6.53
C ASP A 182 9.60 -2.05 6.25
N ALA A 183 8.99 -1.83 5.10
CA ALA A 183 8.08 -2.80 4.53
C ALA A 183 8.84 -4.04 4.03
N CYS A 184 8.12 -5.13 3.80
CA CYS A 184 8.72 -6.33 3.25
C CYS A 184 7.66 -7.09 2.45
N LYS A 185 8.04 -8.24 1.91
CA LYS A 185 7.13 -9.04 1.08
C LYS A 185 5.77 -9.23 1.73
N GLY A 186 4.71 -8.95 0.97
CA GLY A 186 3.35 -9.04 1.50
C GLY A 186 2.78 -7.71 1.94
N ASP A 187 3.64 -6.71 2.13
CA ASP A 187 3.18 -5.34 2.45
C ASP A 187 2.88 -4.53 1.22
N SER A 188 3.35 -5.03 0.08
CA SER A 188 3.12 -4.38 -1.23
C SER A 188 1.68 -3.98 -1.43
N GLY A 189 1.51 -2.76 -1.94
CA GLY A 189 0.18 -2.27 -2.25
C GLY A 189 -0.49 -1.50 -1.11
N GLY A 190 0.02 -1.71 0.11
CA GLY A 190 -0.49 -1.03 1.30
C GLY A 190 -0.04 0.42 1.35
N PRO A 191 -0.56 1.16 2.32
CA PRO A 191 -0.28 2.58 2.41
C PRO A 191 1.00 2.96 3.14
N LEU A 192 1.56 4.10 2.74
CA LEU A 192 2.47 4.89 3.53
C LEU A 192 1.60 6.09 3.90
N SER A 193 1.18 6.14 5.16
CA SER A 193 0.16 7.11 5.63
C SER A 193 0.87 8.17 6.45
N CYS A 194 0.62 9.44 6.16
CA CYS A 194 1.31 10.51 6.90
C CYS A 194 0.26 11.44 7.50
N LYS A 195 0.46 11.82 8.75
CA LYS A 195 -0.48 12.65 9.51
C LYS A 195 0.03 14.09 9.53
N HIS A 196 -0.76 15.00 8.96
CA HIS A 196 -0.40 16.40 8.85
C HIS A 196 -1.62 17.28 9.09
N ASN A 197 -1.48 18.26 9.98
CA ASN A 197 -2.59 19.11 10.40
C ASN A 197 -3.81 18.27 10.82
N GLU A 198 -3.55 17.26 11.64
CA GLU A 198 -4.54 16.31 12.19
C GLU A 198 -5.32 15.48 11.15
N VAL A 199 -4.83 15.43 9.91
CA VAL A 199 -5.50 14.66 8.87
C VAL A 199 -4.50 13.66 8.27
N TRP A 200 -4.93 12.41 8.13
CA TRP A 200 -4.08 11.41 7.48
C TRP A 200 -4.18 11.53 5.97
N HIS A 201 -3.03 11.47 5.29
CA HIS A 201 -3.03 11.45 3.84
C HIS A 201 -2.28 10.21 3.35
N LEU A 202 -2.74 9.70 2.21
CA LEU A 202 -2.09 8.55 1.56
C LEU A 202 -0.95 9.07 0.70
N VAL A 203 0.24 9.09 1.26
CA VAL A 203 1.40 9.68 0.58
C VAL A 203 2.07 8.70 -0.40
N GLY A 204 2.18 7.43 0.01
CA GLY A 204 2.85 6.44 -0.84
C GLY A 204 2.11 5.12 -0.86
N ILE A 205 2.45 4.32 -1.85
CA ILE A 205 2.00 2.91 -1.93
C ILE A 205 3.24 2.05 -1.91
N THR A 206 3.29 1.09 -0.98
CA THR A 206 4.46 0.19 -0.86
C THR A 206 4.70 -0.54 -2.17
N SER A 207 5.94 -0.38 -2.69
CA SER A 207 6.26 -0.79 -4.05
C SER A 207 7.46 -1.75 -4.14
N TRP A 208 8.64 -1.28 -3.81
CA TRP A 208 9.83 -2.15 -3.93
C TRP A 208 10.98 -1.71 -3.05
N GLY A 209 12.02 -2.54 -2.98
CA GLY A 209 13.24 -2.15 -2.27
C GLY A 209 14.23 -3.28 -2.42
N GLU A 210 15.48 -3.06 -2.04
CA GLU A 210 16.44 -4.15 -2.13
C GLU A 210 16.47 -4.86 -0.81
N GLY A 211 15.89 -6.05 -0.77
CA GLY A 211 15.73 -6.77 0.49
C GLY A 211 14.74 -6.03 1.37
N CYS A 212 14.88 -6.17 2.68
CA CYS A 212 13.99 -5.44 3.60
C CYS A 212 14.79 -4.94 4.79
N ALA A 213 14.67 -3.65 5.06
CA ALA A 213 15.25 -3.03 6.25
C ALA A 213 16.76 -3.08 6.30
N GLN A 214 17.40 -3.20 5.14
CA GLN A 214 18.85 -3.18 5.11
C GLN A 214 19.38 -1.76 5.30
N ARG A 215 20.58 -1.68 5.88
CA ARG A 215 21.34 -0.44 5.94
C ARG A 215 21.43 0.21 4.56
N GLU A 216 21.16 1.52 4.52
CA GLU A 216 21.32 2.32 3.30
C GLU A 216 20.51 1.78 2.13
N ARG A 217 19.35 1.17 2.41
CA ARG A 217 18.45 0.74 1.34
C ARG A 217 17.03 1.12 1.73
N PRO A 218 16.68 2.40 1.55
CA PRO A 218 15.30 2.79 1.91
C PRO A 218 14.25 2.08 1.05
N GLY A 219 13.05 1.94 1.60
CA GLY A 219 11.94 1.45 0.80
C GLY A 219 11.51 2.47 -0.21
N VAL A 220 11.04 1.96 -1.33
CA VAL A 220 10.57 2.80 -2.43
C VAL A 220 9.07 2.62 -2.59
N TYR A 221 8.37 3.77 -2.69
CA TYR A 221 6.91 3.80 -2.71
C TYR A 221 6.44 4.60 -3.92
N THR A 222 5.25 4.29 -4.43
CA THR A 222 4.66 5.11 -5.49
C THR A 222 4.29 6.43 -4.87
N ASN A 223 4.68 7.54 -5.51
CA ASN A 223 4.37 8.89 -4.99
C ASN A 223 2.97 9.27 -5.40
N VAL A 224 2.00 9.07 -4.49
CA VAL A 224 0.59 9.12 -4.86
C VAL A 224 0.13 10.47 -5.43
N VAL A 225 0.71 11.54 -4.92
CA VAL A 225 0.31 12.88 -5.38
C VAL A 225 0.55 13.07 -6.88
N GLU A 226 1.51 12.34 -7.44
CA GLU A 226 1.73 12.37 -8.90
C GLU A 226 0.69 11.67 -9.73
N TYR A 227 -0.26 11.01 -9.08
CA TYR A 227 -1.27 10.21 -9.74
C TYR A 227 -2.68 10.65 -9.41
N VAL A 228 -2.83 11.78 -8.72
CA VAL A 228 -4.22 12.21 -8.39
C VAL A 228 -5.06 12.52 -9.64
N ASP A 229 -4.45 13.07 -10.69
CA ASP A 229 -5.17 13.25 -11.94
C ASP A 229 -5.57 11.92 -12.57
N TRP A 230 -4.65 10.94 -12.56
CA TRP A 230 -4.95 9.59 -13.06
C TRP A 230 -6.08 8.93 -12.27
N ILE A 231 -5.99 9.01 -10.95
CA ILE A 231 -7.05 8.46 -10.09
C ILE A 231 -8.41 9.09 -10.43
N LEU A 232 -8.44 10.41 -10.58
CA LEU A 232 -9.69 11.08 -10.92
C LEU A 232 -10.24 10.61 -12.28
N GLU A 233 -9.38 10.52 -13.28
CA GLU A 233 -9.73 10.07 -14.63
C GLU A 233 -10.31 8.65 -14.59
N LYS A 234 -9.67 7.77 -13.82
CA LYS A 234 -10.05 6.37 -13.84
C LYS A 234 -11.27 6.01 -12.98
N THR A 235 -11.58 6.84 -11.99
CA THR A 235 -12.72 6.58 -11.10
C THR A 235 -14.00 7.31 -11.49
N GLN A 236 -13.93 8.19 -12.49
CA GLN A 236 -15.16 8.81 -13.05
C GLN A 236 -15.97 7.80 -13.86
N ALA A 237 -17.29 7.91 -13.76
CA ALA A 237 -18.20 7.01 -14.48
C ALA A 237 -18.15 7.30 -15.99
N VAL A 238 -18.22 6.23 -16.78
CA VAL A 238 -18.34 6.31 -18.23
C VAL A 238 -19.25 5.15 -18.68
C10 G0R B . 11.08 -2.65 0.93
N12 G0R B . 10.40 -1.56 1.45
C2 G0R B . 5.63 -6.31 -1.97
C5 G0R B . 8.03 -6.72 -1.75
C6 G0R B . 8.41 -5.67 -0.70
C7 G0R B . 8.72 -4.36 -1.43
C8 G0R B . 9.15 -3.25 -0.47
N4 G0R B . 6.87 -6.28 -2.52
N9 G0R B . 10.54 -3.43 -0.07
N11 G0R B . 12.26 -2.93 1.41
O3 G0R B . 5.47 -6.71 -0.84
C1 BEN C . 9.55 -3.84 -0.03
C2 BEN C . 9.74 -5.23 -0.14
C3 BEN C . 8.83 -6.00 -0.84
C4 BEN C . 7.74 -5.42 -1.45
C5 BEN C . 7.55 -4.04 -1.34
C6 BEN C . 8.44 -3.25 -0.64
C BEN C . 10.54 -3.02 0.73
N1 BEN C . 11.68 -3.61 1.26
N2 BEN C . 10.31 -1.75 0.91
S SO4 D . 5.23 -8.88 -2.73
O1 SO4 D . 5.23 -7.86 -1.68
O2 SO4 D . 4.55 -10.06 -2.22
O3 SO4 D . 4.55 -8.34 -3.91
O4 SO4 D . 6.60 -9.28 -3.09
S SO4 E . -0.93 10.02 -15.97
O1 SO4 E . -0.28 9.19 -14.99
O2 SO4 E . -1.62 11.13 -15.29
O3 SO4 E . 0.11 10.59 -16.84
O4 SO4 E . -1.88 9.27 -16.79
S SO4 F . 1.25 19.42 -12.08
O1 SO4 F . 0.29 20.42 -11.63
O2 SO4 F . 1.39 18.37 -11.07
O3 SO4 F . 0.79 18.83 -13.33
O4 SO4 F . 2.55 20.06 -12.31
S SO4 G . 9.74 -16.43 -0.15
O1 SO4 G . 9.91 -17.15 1.10
O2 SO4 G . 8.37 -15.91 -0.27
O3 SO4 G . 10.67 -15.30 -0.20
O4 SO4 G . 9.96 -17.36 -1.26
S SO4 H . -21.32 -0.25 -11.53
O1 SO4 H . -20.18 -0.42 -10.63
O2 SO4 H . -22.53 -0.52 -10.77
O3 SO4 H . -21.31 1.11 -12.05
O4 SO4 H . -21.20 -1.17 -12.66
#